data_7PPP
#
_entry.id   7PPP
#
_cell.length_a   82.940
_cell.length_b   82.940
_cell.length_c   134.320
_cell.angle_alpha   90.000
_cell.angle_beta   90.000
_cell.angle_gamma   120.000
#
_symmetry.space_group_name_H-M   'P 63 2 2'
#
loop_
_entity.id
_entity.type
_entity.pdbx_description
1 polymer 'Zinc finger protein 276'
2 non-polymer 'ZINC ION'
#
_entity_poly.entity_id   1
_entity_poly.type   'polypeptide(L)'
_entity_poly.pdbx_seq_one_letter_code
;SGSMGHCRLCHGKFSSRSLRSISDRASGDSAERPFPGERVFVRDFQRLLGVAVHQDPALSQFVCRNCHAQFYQCHSLLES
FLQRVNVSPM
;
_entity_poly.pdbx_strand_id   A,B
#
# COMPACT_ATOMS: atom_id res chain seq x y z
N HIS A 6 -4.17 19.85 -8.75
CA HIS A 6 -2.81 19.17 -8.42
C HIS A 6 -2.92 18.00 -7.42
N CYS A 7 -2.93 16.75 -7.92
CA CYS A 7 -2.95 15.48 -7.14
C CYS A 7 -1.55 15.23 -6.59
N ARG A 8 -1.41 15.07 -5.26
CA ARG A 8 -0.10 14.81 -4.57
C ARG A 8 0.59 13.52 -5.10
N LEU A 9 -0.09 12.51 -5.67
CA LEU A 9 0.43 11.12 -5.92
C LEU A 9 0.67 10.77 -7.40
N CYS A 10 0.01 11.39 -8.37
CA CYS A 10 0.36 11.24 -9.81
C CYS A 10 0.71 12.57 -10.48
N HIS A 11 0.57 13.74 -9.82
CA HIS A 11 0.95 15.10 -10.30
C HIS A 11 -0.10 15.75 -11.23
N GLY A 12 -1.13 15.05 -11.74
CA GLY A 12 -2.19 15.60 -12.60
C GLY A 12 -3.00 16.70 -11.92
N LYS A 13 -3.69 17.55 -12.72
CA LYS A 13 -4.62 18.64 -12.28
C LYS A 13 -6.08 18.32 -12.70
N PHE A 14 -7.06 18.64 -11.84
CA PHE A 14 -8.47 18.12 -11.88
C PHE A 14 -9.51 19.20 -11.44
N SER A 15 -10.79 19.12 -11.88
CA SER A 15 -11.94 19.95 -11.38
C SER A 15 -12.30 19.64 -9.89
N SER A 16 -13.48 19.07 -9.58
CA SER A 16 -13.77 18.22 -8.38
C SER A 16 -13.80 16.75 -8.83
N ARG A 17 -12.68 16.28 -9.39
CA ARG A 17 -12.21 14.88 -9.42
C ARG A 17 -11.07 14.77 -8.35
N SER A 18 -11.20 15.45 -7.18
CA SER A 18 -10.16 15.71 -6.12
C SER A 18 -10.75 15.56 -4.71
N LEU A 19 -10.03 14.92 -3.77
CA LEU A 19 -10.41 14.61 -2.35
C LEU A 19 -9.38 15.34 -1.45
N ARG A 20 -9.82 16.09 -0.43
CA ARG A 20 -8.93 16.84 0.53
C ARG A 20 -8.22 15.81 1.40
N SER A 21 -6.97 16.04 1.78
CA SER A 21 -6.24 15.43 2.93
C SER A 21 -5.83 16.53 3.96
N ILE A 22 -6.68 16.87 4.97
CA ILE A 22 -6.53 17.98 5.98
C ILE A 22 -7.80 18.20 6.85
N SER A 23 -7.70 18.14 8.21
CA SER A 23 -8.79 18.26 9.24
C SER A 23 -8.45 19.23 10.38
N ASP A 24 -9.26 20.30 10.60
CA ASP A 24 -9.17 21.27 11.73
C ASP A 24 -10.54 21.89 12.06
N GLY A 37 -13.85 9.22 13.86
CA GLY A 37 -13.07 8.96 12.62
C GLY A 37 -13.54 7.72 11.87
N GLU A 38 -13.44 7.74 10.53
CA GLU A 38 -13.57 6.56 9.61
C GLU A 38 -12.17 6.12 9.24
N ARG A 39 -11.47 6.97 8.46
CA ARG A 39 -10.26 6.72 7.59
C ARG A 39 -9.56 8.05 7.41
N VAL A 40 -8.23 8.16 7.66
CA VAL A 40 -7.43 9.43 7.55
C VAL A 40 -6.12 9.22 6.74
N PHE A 41 -5.96 9.91 5.62
CA PHE A 41 -4.99 9.58 4.54
C PHE A 41 -3.54 9.73 5.00
N VAL A 42 -3.17 10.89 5.58
CA VAL A 42 -1.79 11.22 6.04
C VAL A 42 -1.28 10.04 6.90
N ARG A 43 -2.05 9.74 7.97
CA ARG A 43 -1.75 8.67 8.98
C ARG A 43 -1.65 7.33 8.26
N ASP A 44 -2.69 6.95 7.52
CA ASP A 44 -2.79 5.64 6.81
C ASP A 44 -1.61 5.43 5.85
N PHE A 45 -1.16 6.50 5.19
CA PHE A 45 0.02 6.50 4.27
C PHE A 45 1.21 6.22 5.16
N GLN A 46 1.44 7.10 6.15
CA GLN A 46 2.58 7.03 7.10
C GLN A 46 2.71 5.67 7.76
N ARG A 47 1.58 5.06 8.17
CA ARG A 47 1.56 3.74 8.82
C ARG A 47 2.07 2.70 7.82
N LEU A 48 1.44 2.59 6.65
CA LEU A 48 1.63 1.44 5.71
C LEU A 48 3.07 1.42 5.14
N LEU A 49 3.57 2.59 4.76
CA LEU A 49 4.84 2.76 4.01
C LEU A 49 5.94 3.41 4.88
N GLY A 50 5.78 3.47 6.22
CA GLY A 50 6.71 4.13 7.16
C GLY A 50 7.34 5.43 6.67
N VAL A 51 6.59 6.31 6.00
CA VAL A 51 7.03 7.63 5.42
C VAL A 51 5.91 8.72 5.48
N ALA A 52 6.17 9.86 6.13
CA ALA A 52 5.19 10.98 6.34
C ALA A 52 5.00 11.81 5.06
N VAL A 53 4.01 12.73 5.08
CA VAL A 53 3.48 13.58 3.98
C VAL A 53 3.34 15.01 4.55
N HIS A 54 4.20 15.97 4.19
CA HIS A 54 4.36 17.26 4.92
C HIS A 54 3.73 18.43 4.18
N GLN A 55 3.48 19.53 4.90
CA GLN A 55 2.74 20.75 4.46
C GLN A 55 3.76 21.85 4.12
N ASP A 56 3.91 22.18 2.83
CA ASP A 56 4.50 23.46 2.32
C ASP A 56 3.39 24.23 1.60
N PRO A 57 3.55 25.57 1.38
CA PRO A 57 2.77 26.27 0.35
C PRO A 57 3.03 25.73 -1.07
N ALA A 58 4.28 25.33 -1.33
CA ALA A 58 4.80 24.60 -2.53
C ALA A 58 3.87 23.43 -2.91
N LEU A 59 3.33 22.70 -1.92
CA LEU A 59 2.54 21.46 -2.09
C LEU A 59 1.04 21.67 -1.83
N SER A 60 0.25 20.87 -2.52
CA SER A 60 -1.23 20.94 -2.57
C SER A 60 -1.79 20.09 -1.45
N GLN A 61 -3.00 20.43 -1.02
CA GLN A 61 -3.71 19.74 0.07
C GLN A 61 -4.54 18.55 -0.46
N PHE A 62 -4.30 18.00 -1.67
CA PHE A 62 -5.37 17.31 -2.49
C PHE A 62 -4.78 16.11 -3.28
N VAL A 63 -5.55 15.00 -3.42
CA VAL A 63 -5.23 13.75 -4.20
C VAL A 63 -6.47 13.32 -5.05
N CYS A 64 -6.24 12.85 -6.30
CA CYS A 64 -7.28 12.51 -7.31
C CYS A 64 -8.07 11.22 -6.94
N ARG A 65 -9.31 11.10 -7.46
CA ARG A 65 -10.31 10.03 -7.10
C ARG A 65 -9.69 8.64 -7.28
N ASN A 66 -9.10 8.39 -8.46
CA ASN A 66 -8.46 7.08 -8.75
C ASN A 66 -7.25 6.87 -7.87
N CYS A 67 -6.40 7.88 -7.60
CA CYS A 67 -5.14 7.66 -6.81
C CYS A 67 -5.52 7.33 -5.37
N HIS A 68 -6.56 7.97 -4.82
CA HIS A 68 -7.05 7.73 -3.44
C HIS A 68 -7.70 6.34 -3.37
N ALA A 69 -8.61 6.02 -4.32
CA ALA A 69 -9.22 4.68 -4.52
C ALA A 69 -8.12 3.61 -4.57
N GLN A 70 -7.16 3.76 -5.48
CA GLN A 70 -6.05 2.81 -5.73
C GLN A 70 -5.17 2.68 -4.47
N PHE A 71 -5.03 3.72 -3.66
CA PHE A 71 -4.23 3.64 -2.40
C PHE A 71 -4.92 2.67 -1.42
N TYR A 72 -6.21 2.84 -1.16
CA TYR A 72 -6.97 2.06 -0.15
C TYR A 72 -7.21 0.62 -0.64
N GLN A 73 -7.27 0.40 -1.95
CA GLN A 73 -7.32 -0.96 -2.54
C GLN A 73 -6.02 -1.65 -2.17
N CYS A 74 -4.91 -0.91 -2.14
CA CYS A 74 -3.58 -1.44 -1.73
C CYS A 74 -3.51 -1.66 -0.22
N HIS A 75 -3.97 -0.69 0.53
CA HIS A 75 -4.08 -0.71 2.01
C HIS A 75 -4.89 -1.95 2.45
N SER A 76 -6.07 -2.15 1.87
CA SER A 76 -6.98 -3.28 2.21
C SER A 76 -6.21 -4.61 1.96
N LEU A 77 -5.65 -4.82 0.77
CA LEU A 77 -5.07 -6.15 0.41
C LEU A 77 -3.78 -6.36 1.23
N LEU A 78 -3.03 -5.32 1.54
CA LEU A 78 -1.77 -5.51 2.32
C LEU A 78 -2.11 -5.76 3.80
N GLU A 79 -3.10 -5.09 4.37
CA GLU A 79 -3.64 -5.43 5.72
C GLU A 79 -4.00 -6.91 5.74
N SER A 80 -4.62 -7.43 4.67
CA SER A 80 -5.10 -8.84 4.58
C SER A 80 -3.90 -9.78 4.54
N PHE A 81 -2.85 -9.39 3.80
CA PHE A 81 -1.57 -10.12 3.77
C PHE A 81 -0.93 -10.17 5.15
N LEU A 82 -1.00 -9.10 5.91
CA LEU A 82 -0.31 -8.96 7.22
C LEU A 82 -1.05 -9.80 8.29
N GLN A 83 -2.38 -9.88 8.25
CA GLN A 83 -3.19 -10.78 9.14
C GLN A 83 -2.85 -12.26 8.92
N ARG A 84 -2.45 -12.65 7.70
CA ARG A 84 -2.40 -14.07 7.27
C ARG A 84 -0.98 -14.63 7.12
N VAL A 85 -0.05 -13.90 6.49
CA VAL A 85 1.34 -14.32 6.12
C VAL A 85 1.96 -15.29 7.14
N ASN A 86 1.87 -15.00 8.45
CA ASN A 86 2.60 -15.73 9.52
C ASN A 86 1.69 -16.53 10.47
N VAL A 87 0.39 -16.69 10.17
CA VAL A 87 -0.56 -17.53 10.96
C VAL A 87 -0.94 -18.78 10.14
N SER A 88 -1.02 -19.94 10.83
CA SER A 88 -1.49 -21.24 10.29
C SER A 88 -2.97 -21.07 9.89
N PRO A 89 -3.39 -21.57 8.68
CA PRO A 89 -4.82 -21.67 8.34
C PRO A 89 -5.61 -22.57 9.30
N MET A 90 -6.89 -22.22 9.49
CA MET A 90 -7.70 -22.42 10.74
C MET A 90 -7.85 -23.93 11.10
N HIS B 6 -1.56 -24.87 0.00
CA HIS B 6 -1.72 -23.65 0.99
C HIS B 6 -0.92 -22.37 0.63
N CYS B 7 -1.61 -21.30 0.17
CA CYS B 7 -1.12 -19.90 -0.02
C CYS B 7 -0.76 -19.29 1.34
N ARG B 8 0.47 -18.82 1.48
CA ARG B 8 0.94 -18.14 2.69
C ARG B 8 0.16 -16.81 2.95
N LEU B 9 -0.48 -16.18 1.92
CA LEU B 9 -1.07 -14.80 1.96
C LEU B 9 -2.60 -14.77 1.93
N CYS B 10 -3.27 -15.79 1.42
CA CYS B 10 -4.76 -15.87 1.36
C CYS B 10 -5.31 -17.11 2.06
N HIS B 11 -4.49 -18.16 2.35
CA HIS B 11 -4.84 -19.40 3.12
C HIS B 11 -5.78 -20.28 2.29
N GLY B 12 -5.28 -20.81 1.16
CA GLY B 12 -6.02 -21.76 0.31
C GLY B 12 -5.13 -22.55 -0.65
N LYS B 13 -5.60 -23.68 -1.20
CA LYS B 13 -4.77 -24.71 -1.93
C LYS B 13 -4.86 -24.51 -3.46
N PHE B 14 -3.79 -24.87 -4.20
CA PHE B 14 -3.60 -24.69 -5.68
C PHE B 14 -2.94 -25.95 -6.34
N SER B 15 -2.03 -25.78 -7.34
CA SER B 15 -0.86 -26.65 -7.70
C SER B 15 -0.38 -26.37 -9.17
N VAL B 40 13.49 -13.15 -3.47
CA VAL B 40 12.84 -12.00 -4.15
C VAL B 40 11.58 -11.62 -3.33
N PHE B 41 10.50 -12.44 -3.20
CA PHE B 41 9.21 -12.08 -2.51
C PHE B 41 9.42 -11.79 -1.00
N VAL B 42 10.10 -12.69 -0.27
CA VAL B 42 10.35 -12.68 1.21
C VAL B 42 11.15 -11.43 1.61
N ARG B 43 12.10 -10.95 0.79
CA ARG B 43 12.82 -9.66 0.98
C ARG B 43 11.83 -8.52 0.69
N ASP B 44 11.26 -8.53 -0.51
CA ASP B 44 10.42 -7.44 -1.09
C ASP B 44 9.24 -7.09 -0.17
N PHE B 45 8.63 -8.11 0.44
CA PHE B 45 7.54 -8.03 1.46
C PHE B 45 8.11 -7.30 2.66
N GLN B 46 9.18 -7.85 3.25
CA GLN B 46 9.85 -7.30 4.49
C GLN B 46 10.22 -5.82 4.29
N ARG B 47 10.72 -5.44 3.12
CA ARG B 47 11.10 -4.05 2.83
C ARG B 47 9.84 -3.18 2.82
N LEU B 48 8.86 -3.50 1.97
CA LEU B 48 7.66 -2.64 1.69
C LEU B 48 6.85 -2.34 2.95
N LEU B 49 6.50 -3.40 3.70
CA LEU B 49 5.47 -3.38 4.78
C LEU B 49 6.16 -3.19 6.12
N GLY B 50 7.25 -3.91 6.36
CA GLY B 50 8.17 -3.74 7.51
C GLY B 50 8.14 -4.93 8.45
N VAL B 51 7.92 -6.15 7.93
CA VAL B 51 7.50 -7.35 8.73
C VAL B 51 8.00 -8.60 7.98
N ALA B 52 8.76 -9.51 8.63
CA ALA B 52 9.42 -10.69 7.99
C ALA B 52 8.40 -11.77 7.69
N VAL B 53 8.80 -12.74 6.85
CA VAL B 53 7.99 -13.98 6.60
C VAL B 53 8.66 -15.15 7.36
N HIS B 54 7.95 -15.73 8.33
CA HIS B 54 8.43 -16.86 9.18
C HIS B 54 8.78 -18.05 8.26
N GLN B 55 9.84 -18.84 8.54
CA GLN B 55 10.06 -20.20 7.98
C GLN B 55 9.89 -21.10 9.19
N ASP B 56 8.66 -21.13 9.73
CA ASP B 56 8.18 -22.23 10.62
C ASP B 56 7.80 -23.38 9.69
N PRO B 57 8.14 -24.64 10.01
CA PRO B 57 7.53 -25.79 9.36
C PRO B 57 5.99 -25.87 9.42
N ALA B 58 5.37 -25.32 10.49
CA ALA B 58 3.91 -25.09 10.64
C ALA B 58 3.30 -24.44 9.39
N LEU B 59 4.00 -23.49 8.75
CA LEU B 59 3.53 -22.67 7.61
C LEU B 59 4.23 -23.09 6.32
N SER B 60 3.61 -22.78 5.18
CA SER B 60 3.82 -23.41 3.85
C SER B 60 4.48 -22.47 2.84
N GLN B 61 5.70 -22.74 2.36
CA GLN B 61 6.50 -21.75 1.57
C GLN B 61 6.08 -21.78 0.08
N PHE B 62 4.76 -21.65 -0.18
CA PHE B 62 4.11 -21.33 -1.48
C PHE B 62 3.09 -20.19 -1.26
N VAL B 63 3.06 -19.24 -2.22
CA VAL B 63 2.13 -18.07 -2.38
C VAL B 63 1.47 -18.19 -3.78
N CYS B 64 0.16 -17.96 -3.92
CA CYS B 64 -0.68 -18.09 -5.16
C CYS B 64 -0.28 -17.08 -6.27
N ARG B 65 -0.53 -17.40 -7.55
CA ARG B 65 -0.30 -16.53 -8.74
C ARG B 65 -1.02 -15.19 -8.60
N ASN B 66 -2.31 -15.19 -8.19
CA ASN B 66 -3.08 -13.92 -7.97
C ASN B 66 -2.50 -13.11 -6.78
N CYS B 67 -2.08 -13.77 -5.70
CA CYS B 67 -1.52 -13.15 -4.48
C CYS B 67 -0.23 -12.46 -4.87
N HIS B 68 0.60 -13.14 -5.66
CA HIS B 68 1.95 -12.74 -6.11
C HIS B 68 1.80 -11.52 -7.02
N ALA B 69 0.95 -11.64 -8.06
CA ALA B 69 0.53 -10.57 -9.00
C ALA B 69 0.07 -9.35 -8.22
N GLN B 70 -0.94 -9.51 -7.35
CA GLN B 70 -1.56 -8.44 -6.54
C GLN B 70 -0.50 -7.79 -5.64
N PHE B 71 0.48 -8.55 -5.14
CA PHE B 71 1.57 -8.02 -4.27
C PHE B 71 2.41 -6.98 -5.07
N TYR B 72 2.91 -7.35 -6.25
CA TYR B 72 3.85 -6.55 -7.10
C TYR B 72 3.10 -5.41 -7.78
N GLN B 73 1.80 -5.57 -8.14
CA GLN B 73 0.91 -4.45 -8.57
C GLN B 73 0.94 -3.37 -7.50
N CYS B 74 0.82 -3.76 -6.23
CA CYS B 74 0.86 -2.84 -5.07
C CYS B 74 2.28 -2.35 -4.81
N HIS B 75 3.31 -3.15 -5.09
CA HIS B 75 4.75 -2.78 -4.92
C HIS B 75 5.05 -1.61 -5.86
N SER B 76 4.74 -1.82 -7.15
CA SER B 76 5.01 -0.85 -8.24
C SER B 76 4.27 0.45 -7.94
N LEU B 77 2.96 0.36 -7.71
CA LEU B 77 2.07 1.53 -7.45
C LEU B 77 2.52 2.30 -6.19
N LEU B 78 2.92 1.63 -5.11
CA LEU B 78 3.28 2.37 -3.88
C LEU B 78 4.67 3.01 -4.06
N GLU B 79 5.64 2.35 -4.71
CA GLU B 79 6.93 2.98 -5.10
C GLU B 79 6.66 4.27 -5.91
N SER B 80 5.73 4.23 -6.85
CA SER B 80 5.33 5.39 -7.69
C SER B 80 4.73 6.51 -6.84
N PHE B 81 3.89 6.17 -5.85
CA PHE B 81 3.32 7.15 -4.91
C PHE B 81 4.43 7.80 -4.08
N LEU B 82 5.44 7.04 -3.69
CA LEU B 82 6.57 7.55 -2.83
C LEU B 82 7.47 8.53 -3.59
N GLN B 83 7.75 8.28 -4.87
CA GLN B 83 8.49 9.19 -5.79
C GLN B 83 7.79 10.56 -5.95
N ARG B 84 6.45 10.61 -5.89
CA ARG B 84 5.61 11.80 -6.30
C ARG B 84 5.00 12.59 -5.13
N VAL B 85 4.68 11.90 -4.01
CA VAL B 85 4.00 12.48 -2.80
C VAL B 85 4.65 13.80 -2.37
N ASN B 86 5.99 13.80 -2.18
CA ASN B 86 6.73 14.89 -1.49
C ASN B 86 7.65 15.63 -2.49
N VAL B 87 7.20 15.84 -3.75
CA VAL B 87 7.79 16.76 -4.78
C VAL B 87 6.62 17.56 -5.43
N SER B 88 6.75 18.89 -5.51
CA SER B 88 6.04 19.77 -6.47
C SER B 88 6.41 19.30 -7.89
N PRO B 89 5.45 19.10 -8.84
CA PRO B 89 5.76 18.50 -10.16
C PRO B 89 6.91 19.11 -11.00
N MET B 90 8.15 18.61 -10.77
CA MET B 90 9.42 18.94 -11.51
C MET B 90 9.42 18.23 -12.88
#